data_4GLW
#
_entry.id   4GLW
#
_cell.length_a   56.730
_cell.length_b   56.730
_cell.length_c   197.930
_cell.angle_alpha   90.000
_cell.angle_beta   90.000
_cell.angle_gamma   120.000
#
_symmetry.space_group_name_H-M   'P 31'
#
loop_
_entity.id
_entity.type
_entity.pdbx_description
1 polymer 'DNA ligase'
2 non-polymer 'SULFATE ION'
3 non-polymer 7-methoxy-6-methylpteridine-2,4-diamine
4 non-polymer 'BETA-NICOTINAMIDE RIBOSE MONOPHOSPHATE'
5 water water
#
_entity_poly.entity_id   1
_entity_poly.type   'polypeptide(L)'
_entity_poly.pdbx_seq_one_letter_code
;MNKRMNELVALLNRYATEYYTSDNPSVSDSEYDRLYRELVELETAYPEQVLADSPTHRVGGKVLDGFEKYSHQYPLYSLQ
DAFSREELDAFDARVRKEVAHPTYICELKIDGLSISLTYEKGILVAGVTRGDGSIGENITENLKRVKDIPLTLPEELDIT
VRGECYMPRASFDQVNQARQENGEPEFANPRNAAAGTLRQLDTAVVAKRNLATFLYQEASPSTRDSQEKGLKYLEQLGFV
VNPKRILAENIDEIWNFIQEVGQERENLPYDIDGVVIKVNDLASQEELGFTVKAPKWAVAYKFPA
;
_entity_poly.pdbx_strand_id   A,B
#
loop_
_chem_comp.id
_chem_comp.type
_chem_comp.name
_chem_comp.formula
0XT non-polymer 7-methoxy-6-methylpteridine-2,4-diamine 'C8 H10 N6 O'
NMN non-polymer 'BETA-NICOTINAMIDE RIBOSE MONOPHOSPHATE' 'C11 H16 N2 O8 P 1'
SO4 non-polymer 'SULFATE ION' 'O4 S -2'
#
# COMPACT_ATOMS: atom_id res chain seq x y z
N ASN A 2 -4.13 -30.30 6.28
CA ASN A 2 -3.97 -28.85 5.95
C ASN A 2 -3.11 -28.14 6.99
N LYS A 3 -3.58 -28.14 8.25
CA LYS A 3 -2.85 -27.53 9.35
C LYS A 3 -1.47 -28.16 9.41
N ARG A 4 -1.40 -29.41 8.93
CA ARG A 4 -0.15 -30.14 8.72
C ARG A 4 0.89 -29.26 7.93
N MET A 5 0.67 -29.12 6.63
CA MET A 5 1.50 -28.28 5.76
C MET A 5 1.54 -26.82 6.17
N ASN A 6 0.39 -26.27 6.58
CA ASN A 6 0.32 -24.90 7.13
C ASN A 6 1.52 -24.60 8.05
N GLU A 7 1.89 -25.57 8.90
CA GLU A 7 3.21 -25.62 9.53
C GLU A 7 4.10 -26.68 8.84
N ARG A 37 12.22 -31.99 4.66
CA ARG A 37 11.96 -33.11 3.74
C ARG A 37 10.53 -33.59 3.90
N GLU A 38 9.94 -33.33 5.07
CA GLU A 38 8.58 -33.81 5.39
C GLU A 38 7.52 -33.24 4.45
N LEU A 39 7.65 -31.94 4.15
CA LEU A 39 6.70 -31.25 3.32
C LEU A 39 6.55 -31.91 1.96
N VAL A 40 7.71 -32.30 1.42
CA VAL A 40 7.83 -32.87 0.07
C VAL A 40 6.94 -34.11 -0.02
N GLU A 41 7.09 -34.98 0.98
CA GLU A 41 6.32 -36.21 1.11
C GLU A 41 4.82 -35.89 1.12
N LEU A 42 4.42 -34.95 1.99
CA LEU A 42 2.98 -34.58 2.05
C LEU A 42 2.47 -33.96 0.73
N GLU A 43 3.35 -33.22 0.04
CA GLU A 43 3.01 -32.55 -1.20
C GLU A 43 2.89 -33.54 -2.37
N THR A 44 3.73 -34.59 -2.35
CA THR A 44 3.61 -35.59 -3.42
C THR A 44 2.41 -36.48 -3.19
N ALA A 45 2.00 -36.60 -1.91
CA ALA A 45 0.82 -37.36 -1.50
C ALA A 45 -0.52 -36.78 -1.95
N TYR A 46 -0.78 -35.53 -1.55
CA TYR A 46 -1.99 -34.83 -1.98
C TYR A 46 -1.61 -33.65 -2.90
N PRO A 47 -1.00 -33.93 -4.09
CA PRO A 47 -0.63 -32.84 -4.99
C PRO A 47 -1.77 -31.83 -5.21
N GLU A 48 -3.01 -32.31 -5.19
CA GLU A 48 -4.21 -31.45 -5.29
C GLU A 48 -4.29 -30.25 -4.30
N GLN A 49 -3.33 -30.13 -3.37
CA GLN A 49 -3.36 -29.09 -2.30
C GLN A 49 -1.98 -28.54 -1.73
N VAL A 50 -1.03 -28.19 -2.63
CA VAL A 50 0.21 -27.46 -2.26
C VAL A 50 -0.08 -25.99 -1.89
N LEU A 51 0.66 -25.47 -0.90
CA LEU A 51 0.57 -24.06 -0.49
C LEU A 51 1.26 -23.03 -1.46
N ALA A 52 0.58 -21.92 -1.76
CA ALA A 52 1.09 -20.90 -2.69
C ALA A 52 2.44 -20.46 -2.21
N ASP A 53 2.59 -20.40 -0.88
CA ASP A 53 3.81 -19.87 -0.31
C ASP A 53 4.87 -20.96 -0.10
N SER A 54 4.54 -22.21 -0.46
CA SER A 54 5.47 -23.36 -0.32
C SER A 54 6.87 -23.03 -0.92
N PRO A 55 7.98 -23.25 -0.15
CA PRO A 55 9.40 -23.07 -0.61
C PRO A 55 9.81 -24.15 -1.63
N THR A 56 8.90 -25.12 -1.81
CA THR A 56 8.95 -26.21 -2.79
C THR A 56 8.90 -25.71 -4.23
N HIS A 57 8.18 -24.60 -4.49
CA HIS A 57 8.10 -23.97 -5.85
C HIS A 57 9.39 -23.33 -6.36
N ARG A 58 10.36 -23.17 -5.46
CA ARG A 58 11.67 -22.60 -5.75
C ARG A 58 12.68 -23.63 -6.25
N VAL A 59 12.32 -24.91 -6.19
CA VAL A 59 13.21 -26.01 -6.54
C VAL A 59 12.54 -26.72 -7.70
N GLY A 60 13.38 -27.42 -8.47
CA GLY A 60 13.04 -28.29 -9.59
C GLY A 60 11.71 -28.98 -9.56
N GLY A 61 10.89 -28.78 -10.56
CA GLY A 61 9.56 -29.40 -10.56
C GLY A 61 9.48 -30.12 -11.87
N LYS A 62 8.30 -30.06 -12.45
CA LYS A 62 7.97 -30.70 -13.69
C LYS A 62 8.74 -30.18 -14.86
N VAL A 63 8.93 -31.05 -15.85
CA VAL A 63 9.08 -30.63 -17.25
C VAL A 63 7.71 -30.53 -17.91
N LEU A 64 7.48 -29.41 -18.56
CA LEU A 64 6.20 -28.98 -19.10
C LEU A 64 6.07 -29.47 -20.52
N ASP A 65 4.83 -29.57 -21.01
CA ASP A 65 4.51 -30.01 -22.39
C ASP A 65 4.99 -28.98 -23.42
N GLY A 66 4.23 -27.90 -23.56
CA GLY A 66 4.76 -26.64 -24.10
C GLY A 66 4.18 -25.58 -23.21
N PHE A 67 4.42 -24.31 -23.52
CA PHE A 67 3.74 -23.21 -22.84
C PHE A 67 2.37 -23.00 -23.44
N GLU A 68 1.41 -22.69 -22.60
CA GLU A 68 0.14 -22.22 -23.09
C GLU A 68 0.33 -20.80 -23.66
N LYS A 69 -0.49 -20.39 -24.61
CA LYS A 69 -0.45 -19.00 -25.06
C LYS A 69 -1.35 -18.24 -24.08
N TYR A 70 -0.99 -16.99 -23.73
CA TYR A 70 -1.75 -16.19 -22.77
C TYR A 70 -2.10 -14.79 -23.37
N SER A 71 -3.34 -14.36 -23.23
CA SER A 71 -3.63 -13.07 -23.89
C SER A 71 -3.63 -11.98 -22.84
N HIS A 72 -2.93 -10.89 -23.09
CA HIS A 72 -2.65 -9.95 -21.99
C HIS A 72 -3.88 -9.16 -21.69
N GLN A 73 -4.37 -9.31 -20.48
CA GLN A 73 -5.41 -8.45 -19.96
C GLN A 73 -5.13 -6.95 -20.19
N TYR A 74 -3.91 -6.50 -19.86
CA TYR A 74 -3.52 -5.11 -20.16
C TYR A 74 -2.38 -5.09 -21.21
N PRO A 75 -2.56 -4.34 -22.31
CA PRO A 75 -1.60 -4.43 -23.47
C PRO A 75 -0.19 -4.03 -23.07
N LEU A 76 0.83 -4.77 -23.47
CA LEU A 76 2.13 -4.48 -22.93
C LEU A 76 2.82 -3.64 -24.02
N TYR A 77 2.83 -2.34 -23.81
CA TYR A 77 3.32 -1.45 -24.88
C TYR A 77 4.83 -1.39 -24.94
N SER A 78 5.34 -0.73 -25.98
CA SER A 78 6.77 -0.54 -26.24
C SER A 78 7.24 0.90 -26.00
N LEU A 79 8.56 1.14 -26.02
CA LEU A 79 9.11 2.51 -25.87
C LEU A 79 9.56 3.13 -27.14
N GLN A 80 9.33 4.42 -27.29
CA GLN A 80 9.88 5.06 -28.47
C GLN A 80 11.33 5.24 -28.09
N ASP A 81 12.23 5.08 -29.06
CA ASP A 81 13.66 5.23 -28.84
C ASP A 81 14.17 6.62 -29.23
N ALA A 82 15.30 7.02 -28.61
CA ALA A 82 16.00 8.25 -28.88
C ALA A 82 17.47 7.93 -28.97
N PHE A 83 18.18 8.53 -29.91
CA PHE A 83 19.62 8.27 -30.03
C PHE A 83 20.63 9.41 -29.77
N SER A 84 20.15 10.55 -29.28
CA SER A 84 20.97 11.76 -29.23
C SER A 84 20.28 12.72 -28.34
N ARG A 85 21.10 13.65 -27.80
CA ARG A 85 20.62 14.68 -26.94
C ARG A 85 19.53 15.48 -27.61
N GLU A 86 19.67 15.78 -28.93
CA GLU A 86 18.68 16.57 -29.68
C GLU A 86 17.30 15.92 -29.70
N GLU A 87 17.25 14.59 -29.76
CA GLU A 87 16.00 13.84 -29.77
C GLU A 87 15.34 13.90 -28.40
N LEU A 88 16.14 13.84 -27.34
CA LEU A 88 15.69 14.12 -25.96
C LEU A 88 15.18 15.58 -25.78
N ASP A 89 15.90 16.54 -26.32
CA ASP A 89 15.36 17.90 -26.43
C ASP A 89 14.01 17.88 -27.07
N ALA A 90 13.81 17.06 -28.11
CA ALA A 90 12.56 17.09 -28.92
C ALA A 90 11.35 16.47 -28.23
N PHE A 91 11.63 15.39 -27.50
CA PHE A 91 10.70 14.75 -26.59
C PHE A 91 10.28 15.80 -25.55
N ASP A 92 11.26 16.41 -24.86
CA ASP A 92 10.93 17.41 -23.81
C ASP A 92 9.98 18.53 -24.33
N ALA A 93 10.17 18.96 -25.56
CA ALA A 93 9.38 20.04 -26.11
C ALA A 93 7.99 19.58 -26.44
N ARG A 94 7.89 18.33 -26.86
CA ARG A 94 6.62 17.71 -27.19
C ARG A 94 5.82 17.52 -25.88
N VAL A 95 6.48 17.14 -24.80
CA VAL A 95 5.80 16.94 -23.53
C VAL A 95 5.27 18.31 -23.02
N ARG A 96 6.08 19.35 -23.18
CA ARG A 96 5.71 20.73 -22.67
C ARG A 96 4.76 21.48 -23.54
N LYS A 97 4.36 20.84 -24.61
CA LYS A 97 3.19 21.31 -25.33
C LYS A 97 1.90 21.11 -24.45
N GLU A 98 1.92 20.18 -23.50
CA GLU A 98 0.72 19.91 -22.71
C GLU A 98 0.97 20.06 -21.24
N VAL A 99 2.20 19.92 -20.78
CA VAL A 99 2.55 19.98 -19.31
C VAL A 99 3.54 21.13 -19.08
N ALA A 100 3.23 22.01 -18.15
CA ALA A 100 4.06 23.20 -18.01
C ALA A 100 5.34 22.92 -17.27
N HIS A 101 5.24 22.13 -16.18
CA HIS A 101 6.35 21.98 -15.27
C HIS A 101 6.65 20.55 -15.06
N PRO A 102 7.04 19.83 -16.13
CA PRO A 102 7.20 18.40 -15.91
C PRO A 102 8.45 18.09 -15.07
N THR A 103 8.33 17.08 -14.20
CA THR A 103 9.48 16.48 -13.50
C THR A 103 9.66 15.10 -14.20
N TYR A 104 10.89 14.71 -14.53
CA TYR A 104 11.10 13.45 -15.18
C TYR A 104 11.79 12.52 -14.22
N ILE A 105 11.52 11.23 -14.35
CA ILE A 105 12.24 10.13 -13.65
C ILE A 105 13.00 9.32 -14.72
N CYS A 106 14.28 9.14 -14.55
CA CYS A 106 15.15 8.44 -15.49
C CYS A 106 15.58 7.21 -14.75
N GLU A 107 15.33 6.07 -15.39
CA GLU A 107 15.59 4.73 -14.84
C GLU A 107 16.59 3.98 -15.75
N LEU A 108 17.13 2.83 -15.33
CA LEU A 108 17.87 2.03 -16.33
C LEU A 108 16.97 1.13 -17.13
N LYS A 109 17.23 1.01 -18.42
CA LYS A 109 16.65 -0.03 -19.23
C LYS A 109 17.46 -1.36 -19.17
N ILE A 110 17.01 -2.30 -18.33
CA ILE A 110 17.77 -3.54 -18.07
C ILE A 110 17.72 -4.39 -19.31
N ASP A 111 18.84 -5.01 -19.69
CA ASP A 111 18.83 -5.84 -20.88
C ASP A 111 18.50 -7.28 -20.44
N GLY A 112 17.26 -7.68 -20.63
CA GLY A 112 16.84 -8.99 -20.16
C GLY A 112 15.64 -9.40 -20.92
N LEU A 113 14.87 -10.31 -20.32
CA LEU A 113 13.65 -10.74 -20.97
C LEU A 113 12.46 -10.08 -20.28
N SER A 114 11.57 -9.54 -21.09
CA SER A 114 10.56 -8.75 -20.55
C SER A 114 9.37 -9.64 -20.11
N ILE A 115 8.83 -9.41 -18.91
CA ILE A 115 7.79 -10.29 -18.34
C ILE A 115 6.67 -9.52 -17.67
N SER A 116 5.56 -10.22 -17.47
CA SER A 116 4.36 -9.67 -16.82
C SER A 116 3.91 -10.65 -15.68
N LEU A 117 3.60 -10.16 -14.45
CA LEU A 117 3.22 -11.05 -13.32
C LEU A 117 1.88 -10.68 -12.79
N THR A 118 0.89 -11.57 -12.90
CA THR A 118 -0.48 -11.36 -12.38
C THR A 118 -0.62 -12.05 -11.02
N TYR A 119 -1.03 -11.25 -10.01
CA TYR A 119 -1.46 -11.72 -8.69
C TYR A 119 -2.98 -11.58 -8.52
N GLU A 120 -3.57 -12.62 -7.95
CA GLU A 120 -4.95 -12.70 -7.60
C GLU A 120 -5.03 -13.14 -6.17
N LYS A 121 -5.79 -12.40 -5.38
CA LYS A 121 -5.81 -12.53 -3.91
C LYS A 121 -4.44 -12.52 -3.28
N GLY A 122 -3.48 -11.82 -3.85
CA GLY A 122 -2.17 -11.80 -3.23
C GLY A 122 -1.32 -13.04 -3.57
N ILE A 123 -1.79 -13.88 -4.51
CA ILE A 123 -1.00 -15.11 -4.96
C ILE A 123 -0.67 -14.98 -6.45
N LEU A 124 0.58 -15.20 -6.80
CA LEU A 124 1.06 -15.10 -8.18
C LEU A 124 0.37 -16.20 -8.98
N VAL A 125 -0.35 -15.81 -10.02
CA VAL A 125 -1.12 -16.80 -10.78
C VAL A 125 -0.63 -16.93 -12.22
N ALA A 126 -0.08 -15.87 -12.78
CA ALA A 126 0.37 -15.98 -14.18
C ALA A 126 1.60 -15.11 -14.38
N GLY A 127 2.68 -15.75 -14.83
CA GLY A 127 3.91 -15.08 -15.23
C GLY A 127 4.01 -15.42 -16.71
N VAL A 128 4.13 -14.36 -17.50
CA VAL A 128 4.00 -14.40 -18.96
C VAL A 128 5.02 -13.51 -19.68
N THR A 129 5.62 -14.04 -20.75
CA THR A 129 6.46 -13.25 -21.68
C THR A 129 5.66 -12.14 -22.38
N ARG A 130 6.33 -11.03 -22.75
CA ARG A 130 5.62 -9.96 -23.43
C ARG A 130 5.06 -10.41 -24.76
N GLY A 131 5.79 -11.32 -25.42
CA GLY A 131 5.38 -11.78 -26.74
C GLY A 131 5.24 -10.60 -27.71
N ASP A 132 4.12 -10.55 -28.41
CA ASP A 132 3.85 -9.49 -29.40
C ASP A 132 3.22 -8.24 -28.77
N GLY A 133 3.01 -8.25 -27.45
CA GLY A 133 2.36 -7.16 -26.71
C GLY A 133 0.90 -7.42 -26.45
N SER A 134 0.34 -8.33 -27.26
CA SER A 134 -0.99 -8.93 -27.02
C SER A 134 -1.05 -10.39 -26.54
N ILE A 135 -0.25 -11.28 -27.15
CA ILE A 135 -0.18 -12.70 -26.72
C ILE A 135 1.24 -13.10 -26.35
N GLY A 136 1.37 -13.71 -25.18
CA GLY A 136 2.69 -14.18 -24.74
C GLY A 136 2.66 -15.65 -24.41
N GLU A 137 3.79 -16.19 -23.98
CA GLU A 137 3.83 -17.57 -23.49
C GLU A 137 3.77 -17.61 -21.96
N ASN A 138 2.83 -18.42 -21.46
CA ASN A 138 2.62 -18.61 -20.02
C ASN A 138 3.75 -19.42 -19.43
N ILE A 139 4.70 -18.76 -18.77
CA ILE A 139 5.90 -19.41 -18.23
C ILE A 139 5.90 -19.38 -16.70
N THR A 140 4.68 -19.40 -16.15
CA THR A 140 4.44 -19.19 -14.71
C THR A 140 5.28 -20.14 -13.87
N GLU A 141 5.34 -21.41 -14.29
CA GLU A 141 6.08 -22.42 -13.45
C GLU A 141 7.56 -22.12 -13.43
N ASN A 142 8.06 -21.67 -14.58
CA ASN A 142 9.45 -21.39 -14.70
C ASN A 142 9.83 -20.17 -13.85
N LEU A 143 9.01 -19.11 -13.96
CA LEU A 143 9.20 -17.86 -13.15
C LEU A 143 9.20 -18.07 -11.61
N LYS A 144 8.46 -19.05 -11.09
CA LYS A 144 8.51 -19.36 -9.64
C LYS A 144 9.87 -19.78 -9.17
N ARG A 145 10.73 -20.23 -10.09
CA ARG A 145 12.12 -20.54 -9.67
C ARG A 145 13.09 -19.41 -9.82
N VAL A 146 12.59 -18.21 -10.11
CA VAL A 146 13.43 -17.01 -9.97
C VAL A 146 13.20 -16.53 -8.56
N LYS A 147 14.21 -16.72 -7.70
CA LYS A 147 14.08 -16.55 -6.23
C LYS A 147 13.53 -15.17 -5.79
N ASP A 148 13.87 -14.11 -6.55
CA ASP A 148 13.41 -12.68 -6.36
C ASP A 148 11.93 -12.50 -6.48
N ILE A 149 11.29 -13.35 -7.29
CA ILE A 149 9.86 -13.18 -7.55
C ILE A 149 9.05 -13.69 -6.34
N PRO A 150 8.25 -12.79 -5.75
CA PRO A 150 7.29 -13.14 -4.69
C PRO A 150 6.15 -14.09 -5.11
N LEU A 151 5.93 -15.15 -4.31
CA LEU A 151 4.89 -16.15 -4.62
C LEU A 151 3.57 -15.62 -4.11
N THR A 152 3.67 -14.79 -3.06
CA THR A 152 2.55 -14.10 -2.45
C THR A 152 2.93 -12.70 -1.94
N LEU A 153 1.90 -11.88 -1.65
CA LEU A 153 2.07 -10.49 -1.31
C LEU A 153 1.62 -10.29 0.15
N PRO A 154 1.93 -9.13 0.79
CA PRO A 154 1.38 -9.02 2.13
C PRO A 154 -0.12 -8.61 2.23
N GLU A 155 -0.83 -8.24 1.16
CA GLU A 155 -2.26 -8.02 1.26
C GLU A 155 -2.91 -8.86 0.19
N GLU A 156 -4.24 -8.90 0.16
CA GLU A 156 -4.92 -9.84 -0.76
C GLU A 156 -5.15 -9.15 -2.06
N LEU A 157 -4.10 -8.79 -2.80
CA LEU A 157 -4.35 -7.88 -3.94
C LEU A 157 -4.67 -8.58 -5.23
N ASP A 158 -5.34 -7.85 -6.12
CA ASP A 158 -5.24 -8.12 -7.52
C ASP A 158 -4.47 -6.99 -8.16
N ILE A 159 -3.36 -7.36 -8.78
CA ILE A 159 -2.37 -6.46 -9.28
C ILE A 159 -1.56 -7.19 -10.36
N THR A 160 -1.28 -6.48 -11.46
CA THR A 160 -0.39 -6.95 -12.51
C THR A 160 0.81 -6.02 -12.63
N VAL A 161 2.01 -6.58 -12.55
CA VAL A 161 3.21 -5.75 -12.58
C VAL A 161 4.06 -6.10 -13.79
N ARG A 162 4.88 -5.18 -14.29
CA ARG A 162 5.81 -5.58 -15.34
C ARG A 162 7.27 -5.30 -15.03
N GLY A 163 8.15 -6.07 -15.66
CA GLY A 163 9.55 -5.74 -15.48
C GLY A 163 10.41 -6.61 -16.37
N GLU A 164 11.67 -6.77 -15.97
CA GLU A 164 12.57 -7.49 -16.86
C GLU A 164 13.22 -8.59 -16.03
N CYS A 165 13.23 -9.82 -16.52
CA CYS A 165 14.02 -10.90 -15.83
C CYS A 165 15.38 -11.04 -16.48
N TYR A 166 16.46 -11.16 -15.71
CA TYR A 166 17.79 -11.12 -16.34
C TYR A 166 18.80 -12.04 -15.63
N MET A 167 19.98 -12.22 -16.22
CA MET A 167 21.05 -12.94 -15.54
C MET A 167 22.23 -12.06 -15.23
N PRO A 168 22.67 -12.05 -13.97
CA PRO A 168 23.82 -11.27 -13.59
C PRO A 168 25.10 -11.69 -14.33
N ARG A 169 25.94 -10.71 -14.67
CA ARG A 169 27.24 -10.99 -15.33
C ARG A 169 28.05 -12.03 -14.59
N ALA A 170 28.03 -11.97 -13.26
CA ALA A 170 28.70 -12.95 -12.44
C ALA A 170 28.38 -14.40 -12.85
N SER A 171 27.12 -14.70 -13.08
CA SER A 171 26.65 -16.08 -13.31
C SER A 171 26.82 -16.59 -14.71
N PHE A 172 26.87 -15.68 -15.66
CA PHE A 172 26.95 -16.02 -17.08
C PHE A 172 28.05 -17.05 -17.40
N ASP A 173 29.27 -16.82 -16.93
CA ASP A 173 30.42 -17.66 -17.24
C ASP A 173 30.18 -19.10 -16.78
N GLN A 174 29.63 -19.25 -15.58
CA GLN A 174 29.29 -20.55 -15.03
C GLN A 174 28.25 -21.19 -15.93
N VAL A 175 27.13 -20.52 -16.15
CA VAL A 175 26.10 -21.12 -16.95
C VAL A 175 26.65 -21.65 -18.26
N ASN A 176 27.56 -20.90 -18.90
CA ASN A 176 27.96 -21.25 -20.26
C ASN A 176 28.80 -22.53 -20.24
N GLN A 177 29.63 -22.69 -19.21
CA GLN A 177 30.26 -24.01 -18.90
C GLN A 177 29.27 -25.21 -18.81
N ALA A 178 28.18 -25.02 -18.06
CA ALA A 178 27.10 -26.00 -18.02
C ALA A 178 26.43 -26.27 -19.38
N ARG A 179 26.25 -25.24 -20.23
CA ARG A 179 25.69 -25.48 -21.55
C ARG A 179 26.61 -26.37 -22.45
N GLN A 180 27.93 -26.18 -22.34
CA GLN A 180 28.90 -26.97 -23.05
C GLN A 180 28.90 -28.45 -22.58
N GLU A 181 29.06 -28.65 -21.27
CA GLU A 181 29.09 -30.01 -20.71
C GLU A 181 27.85 -30.82 -21.03
N ASN A 182 26.76 -30.13 -21.36
CA ASN A 182 25.50 -30.75 -21.75
C ASN A 182 25.32 -30.85 -23.31
N GLY A 183 26.42 -30.55 -24.03
CA GLY A 183 26.43 -30.48 -25.50
C GLY A 183 25.48 -29.47 -26.15
N GLU A 184 25.27 -28.32 -25.50
CA GLU A 184 24.43 -27.20 -26.05
C GLU A 184 25.26 -25.95 -26.39
N PRO A 185 24.75 -25.13 -27.33
CA PRO A 185 25.50 -23.92 -27.71
C PRO A 185 25.54 -22.94 -26.51
N GLU A 186 26.73 -22.43 -26.22
CA GLU A 186 26.85 -21.36 -25.25
C GLU A 186 25.89 -20.19 -25.57
N PHE A 187 25.62 -19.41 -24.53
CA PHE A 187 24.71 -18.35 -24.71
C PHE A 187 25.51 -17.17 -25.23
N ALA A 188 24.98 -16.53 -26.27
CA ALA A 188 25.64 -15.40 -26.92
C ALA A 188 25.93 -14.23 -25.94
N ASN A 189 25.05 -13.99 -24.95
CA ASN A 189 25.33 -12.95 -23.93
C ASN A 189 24.33 -13.12 -22.77
N PRO A 190 24.44 -12.31 -21.70
CA PRO A 190 23.52 -12.59 -20.59
C PRO A 190 22.01 -12.56 -20.96
N ARG A 191 21.61 -11.76 -21.93
CA ARG A 191 20.20 -11.58 -22.16
C ARG A 191 19.61 -12.80 -22.80
N ASN A 192 20.43 -13.39 -23.65
CA ASN A 192 20.07 -14.59 -24.33
C ASN A 192 20.11 -15.72 -23.37
N ALA A 193 20.99 -15.68 -22.39
CA ALA A 193 21.05 -16.78 -21.46
C ALA A 193 19.75 -16.82 -20.59
N ALA A 194 19.30 -15.63 -20.16
CA ALA A 194 18.09 -15.53 -19.36
C ALA A 194 16.86 -15.89 -20.20
N ALA A 195 16.79 -15.41 -21.42
CA ALA A 195 15.60 -15.66 -22.21
C ALA A 195 15.50 -17.14 -22.61
N GLY A 196 16.65 -17.75 -22.84
CA GLY A 196 16.72 -19.16 -23.25
C GLY A 196 16.52 -20.07 -22.05
N THR A 197 16.74 -19.53 -20.85
CA THR A 197 16.51 -20.29 -19.64
C THR A 197 15.01 -20.29 -19.34
N LEU A 198 14.34 -19.20 -19.60
CA LEU A 198 12.96 -19.11 -19.21
C LEU A 198 12.04 -19.72 -20.29
N ARG A 199 12.56 -19.86 -21.51
CA ARG A 199 11.79 -20.42 -22.65
C ARG A 199 12.01 -21.90 -22.84
N GLN A 200 12.92 -22.53 -22.11
CA GLN A 200 13.03 -23.98 -22.23
C GLN A 200 12.09 -24.62 -21.21
N LEU A 201 11.90 -25.94 -21.26
CA LEU A 201 10.67 -26.53 -20.71
C LEU A 201 10.81 -27.12 -19.32
N ASP A 202 12.06 -27.27 -18.89
CA ASP A 202 12.36 -27.84 -17.62
C ASP A 202 12.64 -26.90 -16.43
N THR A 203 11.65 -26.89 -15.51
CA THR A 203 11.62 -25.93 -14.41
C THR A 203 12.85 -26.02 -13.61
N ALA A 204 13.38 -27.24 -13.55
CA ALA A 204 14.57 -27.57 -12.72
C ALA A 204 15.87 -26.92 -13.24
N VAL A 205 15.93 -26.69 -14.55
CA VAL A 205 17.02 -25.89 -15.15
C VAL A 205 16.90 -24.41 -14.71
N VAL A 206 15.68 -23.87 -14.65
CA VAL A 206 15.57 -22.48 -14.19
C VAL A 206 16.18 -22.37 -12.80
N ALA A 207 15.83 -23.35 -11.95
CA ALA A 207 16.23 -23.43 -10.53
C ALA A 207 17.74 -23.44 -10.33
N LYS A 208 18.46 -23.89 -11.32
CA LYS A 208 19.89 -23.99 -11.08
C LYS A 208 20.69 -22.81 -11.60
N ARG A 209 20.07 -21.95 -12.41
CA ARG A 209 20.69 -20.72 -12.79
C ARG A 209 20.19 -19.62 -11.86
N ASN A 210 20.97 -18.59 -11.70
CA ASN A 210 20.56 -17.60 -10.74
C ASN A 210 20.12 -16.41 -11.54
N LEU A 211 18.82 -16.31 -11.68
CA LEU A 211 18.21 -15.32 -12.55
C LEU A 211 17.63 -14.39 -11.54
N ALA A 212 17.35 -13.14 -11.93
CA ALA A 212 16.83 -12.15 -10.99
C ALA A 212 15.88 -11.19 -11.70
N THR A 213 15.33 -10.18 -11.00
CA THR A 213 14.38 -9.32 -11.60
C THR A 213 14.49 -7.85 -11.24
N PHE A 214 14.03 -6.98 -12.16
CA PHE A 214 13.73 -5.58 -11.75
C PHE A 214 12.35 -5.23 -12.27
N LEU A 215 11.46 -4.90 -11.37
CA LEU A 215 10.13 -4.47 -11.75
C LEU A 215 10.13 -2.95 -11.94
N TYR A 216 9.48 -2.49 -12.99
CA TYR A 216 9.41 -1.05 -13.21
C TYR A 216 8.04 -0.46 -13.20
N GLN A 217 6.97 -1.24 -13.05
CA GLN A 217 5.65 -0.67 -13.26
C GLN A 217 4.47 -1.58 -12.93
N GLU A 218 3.31 -1.00 -12.55
CA GLU A 218 2.03 -1.73 -12.61
C GLU A 218 1.46 -1.75 -13.99
N ALA A 219 0.99 -2.90 -14.46
CA ALA A 219 0.37 -2.82 -15.76
C ALA A 219 -1.10 -2.57 -15.58
N SER A 220 -1.66 -3.01 -14.45
CA SER A 220 -3.03 -2.74 -14.10
C SER A 220 -3.07 -1.27 -13.62
N PRO A 221 -4.25 -0.62 -13.60
CA PRO A 221 -4.30 0.81 -13.28
C PRO A 221 -3.41 1.24 -12.07
N SER A 222 -2.66 2.34 -12.20
CA SER A 222 -1.69 2.69 -11.16
C SER A 222 -2.39 2.95 -9.84
N THR A 223 -1.87 2.36 -8.78
CA THR A 223 -2.34 2.63 -7.45
C THR A 223 -1.85 4.03 -6.95
N ARG A 224 -0.67 4.49 -7.36
CA ARG A 224 -0.12 5.76 -6.80
C ARG A 224 -0.07 6.89 -7.83
N ASP A 225 0.23 8.11 -7.35
CA ASP A 225 0.21 9.40 -8.14
C ASP A 225 1.35 9.71 -9.05
N SER A 226 2.35 8.87 -9.02
CA SER A 226 3.58 9.22 -9.57
C SER A 226 4.41 7.98 -9.70
N GLN A 227 5.22 7.94 -10.75
CA GLN A 227 6.00 6.78 -11.09
C GLN A 227 6.95 6.49 -9.96
N GLU A 228 7.53 7.56 -9.41
CA GLU A 228 8.42 7.40 -8.30
C GLU A 228 7.73 6.80 -7.05
N LYS A 229 6.48 7.20 -6.78
CA LYS A 229 5.71 6.53 -5.72
C LYS A 229 5.34 5.02 -6.03
N GLY A 230 4.97 4.73 -7.28
CA GLY A 230 4.70 3.32 -7.72
C GLY A 230 5.88 2.44 -7.41
N LEU A 231 7.12 2.99 -7.52
CA LEU A 231 8.32 2.19 -7.38
C LEU A 231 8.51 1.83 -5.92
N LYS A 232 8.44 2.86 -5.07
CA LYS A 232 8.44 2.71 -3.63
C LYS A 232 7.29 1.75 -3.16
N TYR A 233 6.09 1.83 -3.75
CA TYR A 233 4.97 0.95 -3.42
C TYR A 233 5.33 -0.51 -3.80
N LEU A 234 5.76 -0.74 -5.04
CA LEU A 234 6.18 -2.07 -5.47
C LEU A 234 7.21 -2.70 -4.55
N GLU A 235 8.17 -1.92 -4.06
CA GLU A 235 9.14 -2.38 -3.10
C GLU A 235 8.43 -2.78 -1.79
N GLN A 236 7.42 -2.01 -1.41
CA GLN A 236 6.65 -2.35 -0.18
C GLN A 236 5.96 -3.69 -0.39
N LEU A 237 5.62 -4.01 -1.62
CA LEU A 237 4.98 -5.35 -1.87
C LEU A 237 5.85 -6.54 -1.85
N GLY A 238 7.17 -6.36 -1.94
CA GLY A 238 8.08 -7.48 -1.92
C GLY A 238 8.88 -7.58 -3.22
N PHE A 239 8.56 -6.78 -4.24
CA PHE A 239 9.33 -6.75 -5.52
C PHE A 239 10.66 -5.97 -5.48
N VAL A 240 11.68 -6.48 -6.19
CA VAL A 240 12.97 -5.82 -6.33
C VAL A 240 12.86 -4.71 -7.37
N VAL A 241 13.26 -3.51 -6.96
CA VAL A 241 13.17 -2.32 -7.85
C VAL A 241 14.60 -1.82 -8.02
N ASN A 242 14.96 -1.36 -9.20
CA ASN A 242 16.34 -0.97 -9.43
C ASN A 242 16.55 0.39 -8.77
N PRO A 243 17.68 0.59 -8.07
CA PRO A 243 17.79 1.79 -7.24
C PRO A 243 18.55 2.93 -7.92
N LYS A 244 19.31 2.66 -9.00
CA LYS A 244 19.96 3.73 -9.76
C LYS A 244 18.96 4.52 -10.62
N ARG A 245 18.49 5.67 -10.12
CA ARG A 245 17.45 6.46 -10.79
C ARG A 245 17.38 7.82 -10.14
N ILE A 246 16.86 8.80 -10.85
CA ILE A 246 16.78 10.18 -10.34
C ILE A 246 15.50 10.84 -10.82
N LEU A 247 15.14 11.93 -10.18
CA LEU A 247 14.14 12.84 -10.70
C LEU A 247 14.85 14.08 -11.20
N ALA A 248 14.39 14.67 -12.30
CA ALA A 248 15.15 15.71 -12.97
C ALA A 248 14.15 16.66 -13.54
N GLU A 249 14.53 17.94 -13.65
CA GLU A 249 13.63 19.02 -14.07
C GLU A 249 13.88 19.44 -15.54
N ASN A 250 15.10 19.22 -16.01
CA ASN A 250 15.50 19.56 -17.37
C ASN A 250 16.44 18.54 -18.03
N ILE A 251 16.61 18.68 -19.35
CA ILE A 251 17.39 17.80 -20.20
C ILE A 251 18.89 17.89 -19.81
N ASP A 252 19.29 19.04 -19.28
CA ASP A 252 20.66 19.16 -18.77
C ASP A 252 20.95 18.22 -17.60
N GLU A 253 20.03 18.11 -16.63
CA GLU A 253 20.22 17.19 -15.51
C GLU A 253 20.16 15.73 -16.00
N ILE A 254 19.21 15.45 -16.87
CA ILE A 254 19.08 14.13 -17.52
C ILE A 254 20.34 13.71 -18.25
N TRP A 255 20.83 14.61 -19.14
CA TRP A 255 22.07 14.30 -19.89
C TRP A 255 23.25 13.89 -19.00
N ASN A 256 23.41 14.58 -17.87
CA ASN A 256 24.52 14.21 -16.96
C ASN A 256 24.35 12.82 -16.43
N PHE A 257 23.13 12.51 -16.04
CA PHE A 257 22.81 11.20 -15.50
C PHE A 257 23.04 10.13 -16.60
N ILE A 258 22.73 10.42 -17.85
CA ILE A 258 22.97 9.44 -18.86
C ILE A 258 24.50 9.32 -18.98
N GLN A 259 25.25 10.43 -18.83
CA GLN A 259 26.72 10.40 -18.96
C GLN A 259 27.38 9.65 -17.80
N GLU A 260 26.90 9.84 -16.57
CA GLU A 260 27.36 9.07 -15.42
C GLU A 260 27.01 7.58 -15.53
N VAL A 261 25.86 7.29 -16.11
CA VAL A 261 25.48 5.89 -16.38
C VAL A 261 26.40 5.22 -17.41
N GLY A 262 26.59 5.87 -18.57
CA GLY A 262 27.58 5.50 -19.62
C GLY A 262 28.98 5.21 -19.10
N GLN A 263 29.42 5.97 -18.10
CA GLN A 263 30.77 5.76 -17.49
C GLN A 263 30.85 4.54 -16.55
N GLU A 264 29.83 4.35 -15.73
CA GLU A 264 29.81 3.30 -14.71
C GLU A 264 29.41 1.95 -15.24
N ARG A 265 29.00 1.87 -16.50
CA ARG A 265 28.24 0.69 -16.90
C ARG A 265 29.05 -0.58 -17.04
N GLU A 266 30.34 -0.47 -17.35
CA GLU A 266 31.22 -1.64 -17.32
C GLU A 266 31.26 -2.37 -15.92
N ASN A 267 31.06 -1.61 -14.84
CA ASN A 267 31.02 -2.07 -13.41
C ASN A 267 29.67 -2.51 -12.80
N LEU A 268 28.59 -2.35 -13.55
CA LEU A 268 27.29 -2.82 -13.05
C LEU A 268 27.31 -4.36 -13.04
N PRO A 269 26.47 -4.98 -12.23
CA PRO A 269 26.49 -6.45 -12.27
C PRO A 269 25.49 -7.11 -13.28
N TYR A 270 24.88 -6.29 -14.15
CA TYR A 270 23.91 -6.72 -15.21
C TYR A 270 24.17 -5.86 -16.42
N ASP A 271 23.70 -6.28 -17.58
CA ASP A 271 23.77 -5.43 -18.75
C ASP A 271 22.62 -4.44 -18.84
N ILE A 272 22.85 -3.34 -19.53
CA ILE A 272 21.73 -2.49 -19.82
C ILE A 272 21.73 -2.20 -21.26
N ASP A 273 20.64 -1.76 -21.82
CA ASP A 273 20.85 -1.19 -23.10
C ASP A 273 20.41 0.27 -23.25
N GLY A 274 20.32 1.03 -22.15
CA GLY A 274 19.84 2.41 -22.26
C GLY A 274 19.22 2.97 -20.98
N VAL A 275 18.71 4.18 -21.06
CA VAL A 275 18.13 4.85 -19.89
C VAL A 275 16.68 5.21 -20.30
N VAL A 276 15.69 4.92 -19.45
CA VAL A 276 14.33 5.33 -19.73
C VAL A 276 13.97 6.62 -18.98
N ILE A 277 13.41 7.56 -19.71
CA ILE A 277 13.00 8.88 -19.15
C ILE A 277 11.53 8.97 -19.20
N LYS A 278 10.91 9.19 -18.06
CA LYS A 278 9.44 9.26 -18.02
C LYS A 278 9.00 10.51 -17.31
N VAL A 279 7.87 11.02 -17.73
CA VAL A 279 7.14 12.06 -16.99
C VAL A 279 6.67 11.41 -15.70
N ASN A 280 7.02 12.00 -14.56
CA ASN A 280 6.80 11.38 -13.24
C ASN A 280 5.36 11.27 -12.77
N ASP A 281 4.62 12.36 -12.97
CA ASP A 281 3.28 12.48 -12.44
C ASP A 281 2.16 11.83 -13.30
N LEU A 282 1.38 10.93 -12.66
CA LEU A 282 0.29 10.19 -13.34
C LEU A 282 -0.69 10.98 -14.17
N ALA A 283 -1.28 12.00 -13.57
CA ALA A 283 -2.18 12.91 -14.31
C ALA A 283 -1.50 13.58 -15.52
N SER A 284 -0.27 14.08 -15.37
CA SER A 284 0.51 14.52 -16.57
C SER A 284 0.56 13.41 -17.63
N GLN A 285 0.95 12.21 -17.21
CA GLN A 285 1.00 11.10 -18.19
C GLN A 285 -0.34 10.88 -18.87
N GLU A 286 -1.42 11.00 -18.09
CA GLU A 286 -2.79 10.84 -18.53
C GLU A 286 -3.17 11.67 -19.74
N GLU A 287 -2.87 12.96 -19.67
CA GLU A 287 -3.29 13.81 -20.78
C GLU A 287 -2.36 13.77 -21.97
N LEU A 288 -1.09 13.45 -21.77
CA LEU A 288 -0.24 13.16 -22.92
C LEU A 288 -0.72 11.92 -23.65
N GLY A 289 -1.15 10.89 -22.91
CA GLY A 289 -1.70 9.70 -23.56
C GLY A 289 -0.69 8.81 -24.24
N PHE A 290 -1.17 8.13 -25.29
CA PHE A 290 -0.48 6.99 -25.93
C PHE A 290 -0.63 7.04 -27.42
N THR A 291 0.39 6.65 -28.19
CA THR A 291 0.20 6.34 -29.62
C THR A 291 -0.39 4.94 -29.65
N VAL A 292 -0.66 4.40 -30.83
CA VAL A 292 -1.08 2.99 -30.94
C VAL A 292 0.02 1.98 -30.51
N LYS A 293 1.24 2.44 -30.24
CA LYS A 293 2.33 1.53 -29.88
C LYS A 293 2.96 1.81 -28.52
N ALA A 294 3.05 3.08 -28.12
CA ALA A 294 3.95 3.47 -27.03
C ALA A 294 3.38 4.64 -26.22
N PRO A 295 3.84 4.83 -24.98
CA PRO A 295 3.35 6.09 -24.34
C PRO A 295 3.86 7.31 -25.12
N LYS A 296 3.11 8.41 -25.11
CA LYS A 296 3.62 9.75 -25.51
C LYS A 296 4.44 10.43 -24.39
N TRP A 297 4.43 9.82 -23.20
CA TRP A 297 5.03 10.42 -22.06
C TRP A 297 6.33 9.78 -21.63
N ALA A 298 6.89 8.94 -22.51
CA ALA A 298 8.17 8.26 -22.18
C ALA A 298 8.97 8.11 -23.44
N VAL A 299 10.29 7.95 -23.30
CA VAL A 299 11.25 7.64 -24.40
C VAL A 299 12.44 6.86 -23.79
N ALA A 300 13.16 6.14 -24.64
CA ALA A 300 14.23 5.34 -24.19
C ALA A 300 15.51 5.78 -24.88
N TYR A 301 16.48 6.33 -24.14
CA TYR A 301 17.75 6.72 -24.77
C TYR A 301 18.59 5.48 -25.01
N LYS A 302 19.23 5.43 -26.17
CA LYS A 302 20.07 4.28 -26.53
C LYS A 302 21.55 4.67 -26.68
N PHE A 303 22.41 3.93 -26.05
CA PHE A 303 23.81 4.29 -26.07
C PHE A 303 24.44 4.11 -27.47
N PRO A 304 25.36 5.02 -27.87
CA PRO A 304 26.09 4.66 -29.08
C PRO A 304 26.78 3.30 -28.90
N ALA A 305 27.08 2.65 -30.02
CA ALA A 305 27.89 1.43 -30.06
C ALA A 305 29.16 1.51 -29.19
N ASN B 2 20.36 20.21 11.50
CA ASN B 2 20.30 19.91 10.02
C ASN B 2 20.56 18.43 9.75
N LYS B 3 21.61 17.90 10.36
CA LYS B 3 22.05 16.53 10.16
C LYS B 3 22.17 15.73 11.49
N ARG B 4 22.56 16.41 12.57
CA ARG B 4 22.57 15.79 13.91
C ARG B 4 21.13 15.40 14.26
N MET B 5 20.19 16.22 13.76
CA MET B 5 18.76 16.02 13.86
C MET B 5 18.36 14.58 13.43
N ASN B 6 18.58 14.27 12.15
CA ASN B 6 18.10 13.03 11.57
C ASN B 6 18.75 11.88 12.25
N GLU B 7 20.06 11.99 12.46
CA GLU B 7 20.80 11.02 13.23
C GLU B 7 20.18 10.90 14.63
N LEU B 8 20.03 12.03 15.34
CA LEU B 8 19.48 12.03 16.71
C LEU B 8 18.05 11.48 16.72
N VAL B 9 17.21 11.91 15.77
CA VAL B 9 15.81 11.43 15.70
C VAL B 9 15.71 9.93 15.44
N ALA B 10 16.45 9.42 14.45
CA ALA B 10 16.48 7.96 14.14
C ALA B 10 17.15 7.06 15.20
N LEU B 11 18.31 7.50 15.75
CA LEU B 11 18.92 6.82 16.90
C LEU B 11 17.83 6.79 17.99
N LEU B 12 17.65 7.91 18.71
CA LEU B 12 16.60 8.06 19.73
C LEU B 12 15.29 7.33 19.39
N ASN B 13 14.96 7.21 18.11
CA ASN B 13 13.92 6.29 17.66
C ASN B 13 14.52 4.93 17.31
N TYR B 36 18.13 12.22 24.33
CA TYR B 36 17.05 13.09 23.87
C TYR B 36 17.25 14.52 24.33
N ARG B 37 18.06 14.69 25.38
CA ARG B 37 18.36 16.00 25.96
C ARG B 37 18.82 17.03 24.87
N GLU B 38 19.77 16.60 24.04
CA GLU B 38 20.34 17.47 22.99
C GLU B 38 19.24 17.88 22.00
N LEU B 39 18.48 16.84 21.61
CA LEU B 39 17.45 16.98 20.58
C LEU B 39 16.52 18.07 20.97
N VAL B 40 16.05 18.05 22.21
CA VAL B 40 15.15 19.13 22.63
C VAL B 40 15.83 20.47 22.40
N GLU B 41 17.13 20.54 22.75
CA GLU B 41 17.86 21.80 22.71
C GLU B 41 17.95 22.27 21.26
N LEU B 42 18.41 21.39 20.37
CA LEU B 42 18.38 21.73 18.96
C LEU B 42 16.98 22.13 18.50
N GLU B 43 15.95 21.39 18.92
CA GLU B 43 14.59 21.75 18.56
C GLU B 43 14.19 23.12 19.08
N THR B 44 14.60 23.46 20.33
CA THR B 44 14.31 24.80 20.92
C THR B 44 15.12 25.94 20.25
N ALA B 45 16.39 25.64 19.95
CA ALA B 45 17.20 26.41 19.01
C ALA B 45 16.51 26.70 17.66
N TYR B 46 16.22 25.64 16.88
CA TYR B 46 15.72 25.75 15.49
C TYR B 46 14.33 25.12 15.27
N PRO B 47 13.28 25.80 15.79
CA PRO B 47 11.94 25.23 15.90
C PRO B 47 11.35 24.82 14.56
N GLU B 48 11.50 25.66 13.54
CA GLU B 48 11.02 25.32 12.20
C GLU B 48 11.98 24.35 11.49
N GLN B 49 12.47 23.35 12.21
CA GLN B 49 13.16 22.20 11.60
C GLN B 49 13.02 20.96 12.49
N VAL B 50 12.03 20.97 13.39
CA VAL B 50 11.72 19.81 14.16
C VAL B 50 11.17 18.86 13.10
N LEU B 51 11.70 17.64 13.07
CA LEU B 51 11.34 16.63 12.06
C LEU B 51 9.98 15.91 12.37
N ALA B 52 9.24 15.55 11.33
CA ALA B 52 7.89 14.99 11.48
C ALA B 52 7.79 13.81 12.43
N ASP B 53 8.78 12.86 12.45
CA ASP B 53 8.68 11.75 13.42
C ASP B 53 9.49 11.93 14.67
N SER B 54 9.91 13.19 15.03
CA SER B 54 10.55 13.49 16.28
C SER B 54 9.76 12.95 17.48
N PRO B 55 10.43 12.19 18.38
CA PRO B 55 9.71 11.71 19.58
C PRO B 55 9.22 12.78 20.53
N THR B 56 9.70 14.01 20.44
CA THR B 56 9.16 15.09 21.28
C THR B 56 7.68 15.46 20.90
N HIS B 57 7.13 14.90 19.82
CA HIS B 57 5.74 15.25 19.45
C HIS B 57 4.76 14.54 20.31
N ARG B 58 5.28 13.49 20.96
CA ARG B 58 4.59 12.67 21.95
C ARG B 58 4.51 13.25 23.35
N VAL B 59 5.32 14.24 23.64
CA VAL B 59 5.49 14.76 24.99
C VAL B 59 4.79 16.07 25.03
N GLY B 60 4.43 16.50 26.24
CA GLY B 60 3.87 17.82 26.51
C GLY B 60 4.50 18.85 25.66
N GLY B 61 3.69 19.71 25.02
CA GLY B 61 4.23 20.82 24.24
C GLY B 61 3.47 22.10 24.41
N LYS B 62 3.10 22.73 23.28
CA LYS B 62 2.37 24.00 23.27
C LYS B 62 1.05 23.90 24.02
N VAL B 63 0.60 25.06 24.47
CA VAL B 63 -0.77 25.36 24.80
C VAL B 63 -1.29 26.23 23.66
N LEU B 64 -2.57 26.08 23.33
CA LEU B 64 -3.18 26.89 22.25
C LEU B 64 -4.05 27.90 22.96
N ASP B 65 -4.42 28.96 22.28
CA ASP B 65 -5.37 29.92 22.81
C ASP B 65 -6.81 29.54 22.48
N GLY B 66 -6.98 28.75 21.42
CA GLY B 66 -8.29 28.45 20.83
C GLY B 66 -8.02 27.54 19.64
N PHE B 67 -9.02 26.83 19.13
CA PHE B 67 -8.75 25.97 17.96
C PHE B 67 -8.95 26.65 16.62
N GLU B 68 -8.05 26.42 15.69
CA GLU B 68 -8.27 26.86 14.32
C GLU B 68 -9.37 26.01 13.61
N LYS B 69 -10.12 26.65 12.74
CA LYS B 69 -11.14 25.96 11.94
C LYS B 69 -10.41 25.17 10.88
N TYR B 70 -11.08 24.18 10.32
CA TYR B 70 -10.53 23.40 9.22
C TYR B 70 -11.70 22.88 8.36
N SER B 71 -11.62 22.99 7.04
CA SER B 71 -12.77 22.61 6.20
C SER B 71 -12.50 21.21 5.73
N HIS B 72 -13.38 20.25 6.02
CA HIS B 72 -13.11 18.92 5.50
C HIS B 72 -13.15 18.90 4.01
N GLN B 73 -12.11 18.36 3.40
CA GLN B 73 -12.10 17.94 1.99
C GLN B 73 -13.09 16.81 1.63
N TYR B 74 -13.19 15.78 2.50
CA TYR B 74 -14.26 14.78 2.40
C TYR B 74 -15.12 14.92 3.62
N PRO B 75 -16.34 15.43 3.45
CA PRO B 75 -17.27 15.68 4.57
C PRO B 75 -17.74 14.35 5.16
N LEU B 76 -18.14 14.34 6.43
CA LEU B 76 -18.53 13.08 7.07
C LEU B 76 -20.03 12.97 6.82
N TYR B 77 -20.56 11.76 6.71
CA TYR B 77 -22.02 11.59 6.65
C TYR B 77 -22.47 10.92 7.94
N SER B 78 -23.74 10.60 8.11
CA SER B 78 -24.10 9.83 9.31
C SER B 78 -24.54 8.41 9.01
N LEU B 79 -25.10 7.74 10.01
CA LEU B 79 -25.39 6.36 9.88
C LEU B 79 -26.86 6.22 10.18
N GLN B 80 -27.57 5.45 9.39
CA GLN B 80 -28.92 5.12 9.78
C GLN B 80 -28.83 4.12 10.98
N ASP B 81 -29.78 4.18 11.88
CA ASP B 81 -29.73 3.32 13.07
C ASP B 81 -30.89 2.32 13.06
N ALA B 82 -30.62 1.16 13.62
CA ALA B 82 -31.65 0.23 14.04
C ALA B 82 -31.56 -0.19 15.54
N PHE B 83 -32.73 -0.63 16.05
CA PHE B 83 -32.86 -1.02 17.46
C PHE B 83 -33.47 -2.42 17.68
N SER B 84 -33.57 -3.26 16.63
CA SER B 84 -34.13 -4.61 16.78
C SER B 84 -33.81 -5.52 15.60
N ARG B 85 -33.79 -6.81 15.89
CA ARG B 85 -33.63 -7.91 14.91
C ARG B 85 -34.54 -7.62 13.70
N GLU B 86 -35.80 -7.31 13.94
CA GLU B 86 -36.70 -7.02 12.79
C GLU B 86 -36.07 -5.98 11.87
N GLU B 87 -35.62 -4.88 12.44
CA GLU B 87 -35.00 -3.82 11.63
C GLU B 87 -33.73 -4.26 10.87
N LEU B 88 -32.89 -5.07 11.52
CA LEU B 88 -31.76 -5.64 10.83
C LEU B 88 -32.21 -6.44 9.63
N ASP B 89 -33.37 -7.11 9.72
CA ASP B 89 -33.89 -7.92 8.59
C ASP B 89 -34.35 -7.04 7.46
N ALA B 90 -35.02 -5.94 7.80
CA ALA B 90 -35.46 -4.96 6.78
C ALA B 90 -34.29 -4.33 6.01
N PHE B 91 -33.19 -4.07 6.71
CA PHE B 91 -31.94 -3.63 6.08
C PHE B 91 -31.44 -4.67 5.10
N ASP B 92 -31.35 -5.92 5.52
CA ASP B 92 -30.79 -6.92 4.60
C ASP B 92 -31.70 -7.06 3.37
N ALA B 93 -33.00 -6.92 3.59
CA ALA B 93 -33.99 -6.91 2.48
C ALA B 93 -33.87 -5.72 1.50
N ARG B 94 -33.56 -4.54 2.01
CA ARG B 94 -33.44 -3.39 1.13
C ARG B 94 -32.15 -3.58 0.34
N VAL B 95 -31.15 -4.22 0.95
CA VAL B 95 -29.86 -4.33 0.28
C VAL B 95 -30.01 -5.35 -0.90
N ARG B 96 -30.77 -6.44 -0.67
CA ARG B 96 -30.99 -7.51 -1.63
C ARG B 96 -32.02 -7.18 -2.74
N LYS B 97 -32.61 -6.01 -2.67
CA LYS B 97 -33.19 -5.41 -3.87
C LYS B 97 -32.12 -5.13 -4.98
N GLU B 98 -30.83 -5.05 -4.61
CA GLU B 98 -29.81 -4.52 -5.53
C GLU B 98 -28.67 -5.47 -5.73
N VAL B 99 -28.36 -6.23 -4.68
CA VAL B 99 -27.19 -7.10 -4.76
C VAL B 99 -27.66 -8.45 -4.29
N ALA B 100 -27.57 -9.42 -5.20
CA ALA B 100 -28.26 -10.70 -5.03
C ALA B 100 -27.66 -11.43 -3.80
N HIS B 101 -26.36 -11.40 -3.71
CA HIS B 101 -25.67 -12.22 -2.72
C HIS B 101 -24.71 -11.47 -1.76
N PRO B 102 -25.21 -10.48 -0.98
CA PRO B 102 -24.28 -9.70 -0.13
C PRO B 102 -23.45 -10.43 0.94
N THR B 103 -22.23 -9.93 1.14
CA THR B 103 -21.41 -10.19 2.30
C THR B 103 -21.40 -8.91 3.16
N TYR B 104 -21.56 -9.07 4.45
CA TYR B 104 -21.63 -7.97 5.38
C TYR B 104 -20.40 -8.09 6.29
N ILE B 105 -19.75 -6.95 6.53
CA ILE B 105 -18.75 -6.89 7.62
C ILE B 105 -19.44 -6.25 8.83
N CYS B 106 -19.15 -6.82 10.00
CA CYS B 106 -19.74 -6.40 11.29
C CYS B 106 -18.63 -5.92 12.17
N GLU B 107 -18.72 -4.67 12.62
CA GLU B 107 -17.68 -3.95 13.40
C GLU B 107 -18.25 -3.29 14.67
N LEU B 108 -17.39 -3.07 15.66
CA LEU B 108 -17.88 -2.40 16.86
C LEU B 108 -18.02 -0.88 16.61
N LYS B 109 -19.05 -0.25 17.15
CA LYS B 109 -19.13 1.18 17.17
C LYS B 109 -18.65 1.63 18.55
N ILE B 110 -17.43 2.13 18.57
CA ILE B 110 -16.74 2.50 19.79
C ILE B 110 -17.34 3.79 20.29
N ASP B 111 -17.57 3.86 21.59
CA ASP B 111 -18.02 5.09 22.27
C ASP B 111 -16.90 6.14 22.43
N GLY B 112 -16.63 6.92 21.37
CA GLY B 112 -15.56 7.91 21.41
C GLY B 112 -15.80 9.17 20.63
N LEU B 113 -14.72 9.81 20.27
CA LEU B 113 -14.87 11.06 19.58
C LEU B 113 -14.36 10.83 18.18
N SER B 114 -15.11 11.36 17.24
CA SER B 114 -14.83 11.20 15.86
C SER B 114 -13.64 12.04 15.40
N ILE B 115 -12.64 11.41 14.78
CA ILE B 115 -11.44 12.15 14.25
C ILE B 115 -11.22 11.79 12.77
N SER B 116 -10.84 12.77 11.96
CA SER B 116 -10.29 12.57 10.61
C SER B 116 -8.81 13.00 10.62
N LEU B 117 -7.96 12.15 10.06
CA LEU B 117 -6.52 12.36 10.01
C LEU B 117 -6.08 12.42 8.56
N THR B 118 -5.63 13.58 8.13
CA THR B 118 -5.10 13.83 6.79
C THR B 118 -3.61 13.81 6.79
N TYR B 119 -3.05 12.91 5.95
CA TYR B 119 -1.63 12.83 5.64
C TYR B 119 -1.34 13.39 4.25
N GLU B 120 -0.23 14.12 4.16
CA GLU B 120 0.32 14.59 2.84
C GLU B 120 1.80 14.29 2.77
N LYS B 121 2.21 13.64 1.70
CA LYS B 121 3.62 13.21 1.60
CA LYS B 121 3.58 13.14 1.57
C LYS B 121 3.98 12.25 2.77
N GLY B 122 3.02 11.53 3.36
CA GLY B 122 3.32 10.51 4.40
C GLY B 122 3.37 11.07 5.82
N ILE B 123 3.16 12.37 5.93
CA ILE B 123 3.15 13.03 7.20
C ILE B 123 1.81 13.53 7.70
N LEU B 124 1.54 13.31 8.97
CA LEU B 124 0.29 13.78 9.55
C LEU B 124 0.42 15.27 9.60
N VAL B 125 -0.48 15.93 8.86
CA VAL B 125 -0.56 17.36 8.80
C VAL B 125 -1.84 17.93 9.38
N ALA B 126 -2.96 17.20 9.41
CA ALA B 126 -4.12 17.67 10.13
C ALA B 126 -4.83 16.53 10.84
N GLY B 127 -5.26 16.81 12.07
CA GLY B 127 -6.20 16.01 12.80
C GLY B 127 -7.37 16.86 13.28
N VAL B 128 -8.58 16.46 12.87
CA VAL B 128 -9.76 17.31 12.87
C VAL B 128 -11.04 16.63 13.42
N THR B 129 -11.88 17.45 14.10
CA THR B 129 -13.10 16.99 14.76
C THR B 129 -14.18 17.02 13.69
N ARG B 130 -15.30 16.35 13.93
CA ARG B 130 -16.35 16.32 12.91
C ARG B 130 -16.89 17.70 12.61
N GLY B 131 -16.97 18.53 13.66
CA GLY B 131 -17.58 19.87 13.54
C GLY B 131 -19.00 19.74 13.05
N ASP B 132 -19.35 20.61 12.10
CA ASP B 132 -20.68 20.62 11.52
C ASP B 132 -20.81 19.66 10.35
N GLY B 133 -19.80 18.82 10.13
CA GLY B 133 -19.74 17.87 9.00
C GLY B 133 -18.94 18.35 7.77
N SER B 134 -18.87 19.66 7.53
CA SER B 134 -17.98 20.24 6.49
C SER B 134 -16.82 21.04 7.09
N ILE B 135 -16.96 21.51 8.35
CA ILE B 135 -15.89 22.31 9.00
C ILE B 135 -15.68 21.82 10.42
N GLY B 136 -14.48 21.42 10.71
CA GLY B 136 -14.20 20.76 12.02
C GLY B 136 -13.35 21.66 12.84
N GLU B 137 -12.86 21.17 13.97
CA GLU B 137 -11.83 21.91 14.70
C GLU B 137 -10.50 21.21 14.54
N ASN B 138 -9.50 22.01 14.15
CA ASN B 138 -8.12 21.51 14.06
C ASN B 138 -7.52 21.18 15.37
N ILE B 139 -7.46 19.90 15.76
CA ILE B 139 -6.88 19.53 17.06
C ILE B 139 -5.55 18.73 16.84
N THR B 140 -4.80 19.08 15.80
CA THR B 140 -3.67 18.26 15.31
C THR B 140 -2.60 17.98 16.41
N GLU B 141 -2.29 19.04 17.17
CA GLU B 141 -1.26 18.98 18.21
C GLU B 141 -1.64 18.10 19.39
N ASN B 142 -2.91 18.20 19.81
CA ASN B 142 -3.44 17.29 20.80
C ASN B 142 -3.39 15.83 20.28
N LEU B 143 -3.84 15.61 19.03
CA LEU B 143 -3.83 14.19 18.52
C LEU B 143 -2.41 13.57 18.44
N LYS B 144 -1.38 14.42 18.38
CA LYS B 144 -0.03 13.89 18.21
C LYS B 144 0.41 13.15 19.48
N ARG B 145 -0.25 13.47 20.58
CA ARG B 145 0.14 12.98 21.88
C ARG B 145 -0.62 11.68 22.08
N VAL B 146 -1.41 11.24 21.10
CA VAL B 146 -2.12 9.97 21.29
C VAL B 146 -1.11 8.98 20.71
N LYS B 147 -0.49 8.14 21.52
CA LYS B 147 0.66 7.32 20.99
C LYS B 147 0.25 6.45 19.77
N ASP B 148 -0.93 5.79 19.81
CA ASP B 148 -1.32 4.84 18.67
C ASP B 148 -1.42 5.45 17.27
N ILE B 149 -1.45 6.79 17.18
CA ILE B 149 -1.58 7.54 15.91
C ILE B 149 -0.21 7.72 15.27
N PRO B 150 0.02 7.24 14.01
CA PRO B 150 1.34 7.50 13.37
C PRO B 150 1.49 8.92 12.93
N LEU B 151 2.70 9.43 13.17
CA LEU B 151 3.14 10.78 12.79
C LEU B 151 3.57 10.73 11.34
N THR B 152 4.05 9.58 10.93
CA THR B 152 4.41 9.37 9.52
C THR B 152 3.99 7.97 9.06
N LEU B 153 3.84 7.82 7.76
CA LEU B 153 3.47 6.55 7.08
C LEU B 153 4.66 5.87 6.41
N PRO B 154 4.56 4.53 6.04
CA PRO B 154 5.76 3.99 5.37
C PRO B 154 5.88 4.35 3.88
N GLU B 155 4.90 4.98 3.28
CA GLU B 155 5.16 5.63 2.01
C GLU B 155 4.70 7.09 2.13
N GLU B 156 5.12 7.89 1.17
CA GLU B 156 4.73 9.32 1.10
C GLU B 156 3.32 9.53 0.53
N LEU B 157 2.27 9.04 1.20
CA LEU B 157 0.93 9.19 0.61
C LEU B 157 0.17 10.45 0.94
N ASP B 158 -0.79 10.80 0.10
CA ASP B 158 -1.75 11.73 0.48
C ASP B 158 -2.96 10.87 0.86
N ILE B 159 -3.44 10.93 2.09
CA ILE B 159 -4.57 10.06 2.44
C ILE B 159 -5.26 10.60 3.62
N THR B 160 -6.58 10.45 3.63
CA THR B 160 -7.38 10.81 4.81
C THR B 160 -8.08 9.62 5.39
N VAL B 161 -7.92 9.40 6.69
CA VAL B 161 -8.40 8.19 7.40
C VAL B 161 -9.31 8.71 8.54
N ARG B 162 -10.27 7.92 8.97
CA ARG B 162 -11.35 8.40 9.81
C ARG B 162 -11.64 7.31 10.82
N GLY B 163 -11.75 7.66 12.11
CA GLY B 163 -11.94 6.68 13.18
C GLY B 163 -12.43 7.32 14.46
N GLU B 164 -12.18 6.66 15.59
CA GLU B 164 -12.62 7.12 16.88
C GLU B 164 -11.43 7.16 17.81
N CYS B 165 -11.33 8.26 18.56
CA CYS B 165 -10.38 8.43 19.68
C CYS B 165 -11.12 8.20 21.00
N TYR B 166 -10.63 7.24 21.80
CA TYR B 166 -11.33 6.86 23.01
C TYR B 166 -10.37 6.70 24.18
N MET B 167 -10.89 6.66 25.39
CA MET B 167 -10.08 6.28 26.55
C MET B 167 -10.33 4.86 27.09
N PRO B 168 -9.33 3.96 27.05
CA PRO B 168 -9.55 2.63 27.64
C PRO B 168 -10.13 2.73 29.05
N ARG B 169 -11.03 1.82 29.42
CA ARG B 169 -11.72 1.87 30.74
C ARG B 169 -10.69 1.87 31.87
N ALA B 170 -9.52 1.30 31.61
CA ALA B 170 -8.47 1.12 32.62
C ALA B 170 -7.73 2.44 32.85
N SER B 171 -7.59 3.24 31.79
CA SER B 171 -7.01 4.57 31.89
C SER B 171 -7.93 5.53 32.61
N PHE B 172 -9.18 5.51 32.18
CA PHE B 172 -10.28 6.22 32.81
C PHE B 172 -10.29 5.99 34.31
N ASP B 173 -10.06 4.76 34.75
CA ASP B 173 -10.14 4.52 36.19
C ASP B 173 -8.89 5.11 36.87
N GLN B 174 -7.75 5.10 36.19
CA GLN B 174 -6.57 5.79 36.68
C GLN B 174 -6.70 7.33 36.73
N VAL B 175 -7.06 7.93 35.60
CA VAL B 175 -7.24 9.41 35.49
C VAL B 175 -8.23 9.94 36.53
N ASN B 176 -9.26 9.14 36.86
CA ASN B 176 -10.25 9.54 37.84
C ASN B 176 -9.68 9.54 39.24
N GLN B 177 -8.87 8.52 39.52
CA GLN B 177 -8.10 8.52 40.75
C GLN B 177 -7.14 9.72 40.83
N ALA B 178 -6.61 10.14 39.69
CA ALA B 178 -5.65 11.22 39.69
C ALA B 178 -6.38 12.53 39.93
N ARG B 179 -7.55 12.67 39.31
CA ARG B 179 -8.27 13.92 39.48
C ARG B 179 -8.76 14.05 40.90
N GLN B 180 -9.14 12.94 41.51
CA GLN B 180 -9.54 12.92 42.88
C GLN B 180 -8.44 13.38 43.85
N GLU B 181 -7.23 12.85 43.73
CA GLU B 181 -6.11 13.26 44.60
C GLU B 181 -5.69 14.70 44.31
N ASN B 182 -5.96 15.18 43.10
CA ASN B 182 -5.67 16.55 42.74
C ASN B 182 -6.86 17.48 42.88
N GLY B 183 -7.93 16.96 43.47
CA GLY B 183 -9.14 17.74 43.70
C GLY B 183 -9.74 18.46 42.52
N GLU B 184 -9.78 17.78 41.38
CA GLU B 184 -10.56 18.26 40.26
C GLU B 184 -11.65 17.21 40.11
N PRO B 185 -12.79 17.56 39.52
CA PRO B 185 -13.89 16.59 39.61
C PRO B 185 -13.80 15.47 38.58
N GLU B 186 -14.25 14.28 38.99
CA GLU B 186 -14.11 13.12 38.16
C GLU B 186 -15.00 13.21 36.90
N PHE B 187 -14.56 12.58 35.83
CA PHE B 187 -15.36 12.42 34.63
C PHE B 187 -16.45 11.41 34.85
N ALA B 188 -17.66 11.72 34.37
CA ALA B 188 -18.79 10.77 34.47
C ALA B 188 -18.49 9.40 33.79
N ASN B 189 -17.91 9.42 32.57
CA ASN B 189 -17.59 8.17 31.84
C ASN B 189 -16.43 8.32 30.89
N PRO B 190 -15.92 7.20 30.38
CA PRO B 190 -14.81 7.31 29.41
C PRO B 190 -15.06 8.25 28.21
N ARG B 191 -16.30 8.29 27.71
CA ARG B 191 -16.61 9.27 26.68
C ARG B 191 -16.50 10.77 27.07
N ASN B 192 -17.05 11.17 28.21
CA ASN B 192 -16.81 12.53 28.68
C ASN B 192 -15.31 12.79 28.82
N ALA B 193 -14.61 11.82 29.35
CA ALA B 193 -13.21 11.95 29.64
C ALA B 193 -12.40 12.16 28.33
N ALA B 194 -12.82 11.46 27.27
CA ALA B 194 -12.09 11.53 26.01
C ALA B 194 -12.32 12.86 25.37
N ALA B 195 -13.60 13.26 25.23
CA ALA B 195 -13.90 14.58 24.66
C ALA B 195 -13.32 15.77 25.49
N GLY B 196 -13.27 15.59 26.79
CA GLY B 196 -12.72 16.55 27.75
C GLY B 196 -11.22 16.73 27.57
N THR B 197 -10.52 15.65 27.31
CA THR B 197 -9.06 15.73 27.15
C THR B 197 -8.61 16.39 25.85
N LEU B 198 -9.34 16.08 24.80
CA LEU B 198 -8.96 16.46 23.48
C LEU B 198 -9.49 17.80 23.08
N ARG B 199 -10.50 18.26 23.81
CA ARG B 199 -11.15 19.52 23.50
C ARG B 199 -10.63 20.69 24.36
N GLN B 200 -9.88 20.37 25.42
CA GLN B 200 -9.17 21.40 26.17
C GLN B 200 -7.84 21.61 25.40
N LEU B 201 -7.11 22.66 25.77
CA LEU B 201 -6.11 23.32 24.89
C LEU B 201 -4.64 23.05 25.20
N ASP B 202 -4.38 22.22 26.20
CA ASP B 202 -3.03 21.94 26.66
C ASP B 202 -2.57 20.56 26.20
N THR B 203 -1.65 20.52 25.22
CA THR B 203 -1.15 19.26 24.77
C THR B 203 -0.59 18.43 25.93
N ALA B 204 -0.19 19.06 27.05
CA ALA B 204 0.46 18.23 28.05
C ALA B 204 -0.59 17.48 28.81
N VAL B 205 -1.81 17.98 28.78
CA VAL B 205 -2.86 17.23 29.47
C VAL B 205 -3.19 15.94 28.67
N VAL B 206 -3.20 16.08 27.33
CA VAL B 206 -3.40 14.93 26.45
C VAL B 206 -2.31 13.89 26.76
N ALA B 207 -1.05 14.29 26.83
CA ALA B 207 -0.01 13.28 26.95
C ALA B 207 -0.13 12.44 28.22
N LYS B 208 -0.49 13.05 29.35
CA LYS B 208 -0.60 12.29 30.62
C LYS B 208 -1.78 11.31 30.69
N ARG B 209 -2.78 11.46 29.79
CA ARG B 209 -4.06 10.75 29.89
C ARG B 209 -4.29 9.44 29.11
N ASN B 210 -3.33 9.05 28.28
CA ASN B 210 -3.37 7.69 27.68
C ASN B 210 -4.62 7.34 26.87
N LEU B 211 -4.85 8.14 25.85
CA LEU B 211 -5.92 7.95 24.91
C LEU B 211 -5.48 6.92 23.86
N ALA B 212 -6.43 6.35 23.10
CA ALA B 212 -6.09 5.41 22.00
C ALA B 212 -7.10 5.58 20.79
N THR B 213 -6.88 4.87 19.65
CA THR B 213 -7.72 4.93 18.46
C THR B 213 -8.07 3.51 17.87
N PHE B 214 -9.19 3.46 17.13
CA PHE B 214 -9.44 2.42 16.12
C PHE B 214 -9.90 3.19 14.91
N LEU B 215 -9.21 3.00 13.78
CA LEU B 215 -9.61 3.60 12.52
C LEU B 215 -10.57 2.64 11.77
N TYR B 216 -11.63 3.15 11.16
CA TYR B 216 -12.47 2.22 10.36
C TYR B 216 -12.60 2.51 8.87
N GLN B 217 -12.16 3.68 8.40
CA GLN B 217 -12.26 3.93 6.98
C GLN B 217 -11.26 4.90 6.42
N GLU B 218 -11.07 4.76 5.10
CA GLU B 218 -10.51 5.77 4.28
C GLU B 218 -11.57 6.80 3.92
N ALA B 219 -11.24 8.05 4.17
CA ALA B 219 -12.23 9.07 3.93
C ALA B 219 -11.98 9.53 2.51
N SER B 220 -10.71 9.75 2.16
CA SER B 220 -10.29 9.91 0.76
C SER B 220 -10.61 8.60 0.02
N PRO B 221 -10.81 8.66 -1.29
CA PRO B 221 -11.41 7.55 -2.03
C PRO B 221 -10.72 6.17 -1.85
N SER B 222 -11.49 5.12 -1.54
CA SER B 222 -10.89 3.84 -1.16
C SER B 222 -9.80 3.33 -2.15
N THR B 223 -8.72 2.82 -1.59
CA THR B 223 -7.59 2.19 -2.32
C THR B 223 -7.80 0.70 -2.53
N ARG B 224 -8.54 0.06 -1.62
CA ARG B 224 -8.83 -1.39 -1.77
C ARG B 224 -10.32 -1.60 -2.10
N ASP B 225 -10.69 -2.77 -2.59
CA ASP B 225 -12.03 -2.93 -3.13
C ASP B 225 -13.07 -3.61 -2.17
N SER B 226 -12.78 -3.68 -0.88
CA SER B 226 -13.68 -4.21 0.13
C SER B 226 -13.37 -3.56 1.45
N GLN B 227 -14.32 -3.45 2.36
CA GLN B 227 -14.06 -2.91 3.68
C GLN B 227 -13.01 -3.69 4.39
N GLU B 228 -13.07 -5.03 4.23
CA GLU B 228 -12.16 -5.90 4.90
C GLU B 228 -10.73 -5.71 4.37
N LYS B 229 -10.58 -5.58 3.06
CA LYS B 229 -9.23 -5.36 2.49
C LYS B 229 -8.77 -3.96 2.86
N GLY B 230 -9.71 -3.02 2.82
CA GLY B 230 -9.54 -1.67 3.40
C GLY B 230 -8.96 -1.69 4.83
N LEU B 231 -9.61 -2.42 5.72
CA LEU B 231 -9.05 -2.58 7.09
C LEU B 231 -7.60 -3.14 7.23
N LYS B 232 -7.30 -4.22 6.53
CA LYS B 232 -5.92 -4.75 6.50
C LYS B 232 -4.93 -3.75 5.91
N TYR B 233 -5.38 -3.01 4.93
CA TYR B 233 -4.53 -2.03 4.31
C TYR B 233 -4.09 -0.93 5.33
N LEU B 234 -5.02 -0.49 6.16
CA LEU B 234 -4.71 0.52 7.12
C LEU B 234 -3.73 -0.06 8.09
N GLU B 235 -3.92 -1.30 8.50
CA GLU B 235 -2.98 -1.90 9.42
C GLU B 235 -1.56 -1.95 8.87
N GLN B 236 -1.42 -2.24 7.57
CA GLN B 236 -0.10 -2.14 6.93
C GLN B 236 0.46 -0.76 7.11
N LEU B 237 -0.38 0.28 7.06
CA LEU B 237 0.09 1.69 7.16
C LEU B 237 0.48 2.15 8.57
N GLY B 238 0.29 1.30 9.59
CA GLY B 238 0.62 1.61 11.00
C GLY B 238 -0.57 2.01 11.91
N PHE B 239 -1.81 2.00 11.38
CA PHE B 239 -2.99 2.37 12.14
C PHE B 239 -3.56 1.20 12.90
N VAL B 240 -4.10 1.47 14.07
CA VAL B 240 -4.69 0.44 14.93
C VAL B 240 -6.15 0.27 14.51
N VAL B 241 -6.53 -0.99 14.37
CA VAL B 241 -7.80 -1.36 13.80
C VAL B 241 -8.37 -2.38 14.77
N ASN B 242 -9.67 -2.32 15.05
CA ASN B 242 -10.23 -3.23 16.05
C ASN B 242 -10.30 -4.67 15.51
N PRO B 243 -9.66 -5.64 16.21
CA PRO B 243 -9.65 -7.02 15.68
C PRO B 243 -11.03 -7.65 15.81
N LYS B 244 -11.91 -6.94 16.52
CA LYS B 244 -13.18 -7.54 16.95
C LYS B 244 -14.29 -7.42 15.91
N ARG B 245 -14.23 -8.19 14.83
CA ARG B 245 -15.11 -7.97 13.64
C ARG B 245 -15.46 -9.33 12.94
N ILE B 246 -16.45 -9.36 12.04
CA ILE B 246 -16.62 -10.56 11.20
C ILE B 246 -17.19 -10.21 9.84
N LEU B 247 -17.03 -11.17 8.96
CA LEU B 247 -17.56 -11.13 7.66
C LEU B 247 -18.69 -12.15 7.73
N ALA B 248 -19.92 -11.68 7.51
CA ALA B 248 -21.13 -12.51 7.67
C ALA B 248 -21.91 -12.53 6.40
N GLU B 249 -22.51 -13.68 6.10
CA GLU B 249 -23.25 -13.92 4.86
C GLU B 249 -24.80 -13.82 4.96
N ASN B 250 -25.36 -13.69 6.16
CA ASN B 250 -26.79 -13.39 6.30
C ASN B 250 -27.06 -12.91 7.69
N ILE B 251 -28.18 -12.20 7.84
CA ILE B 251 -28.63 -11.66 9.13
C ILE B 251 -28.53 -12.62 10.33
N ASP B 252 -28.41 -13.92 10.11
CA ASP B 252 -28.39 -14.81 11.25
C ASP B 252 -27.05 -15.02 11.92
N GLU B 253 -25.97 -15.08 11.14
CA GLU B 253 -24.66 -15.03 11.77
C GLU B 253 -24.42 -13.61 12.34
N ILE B 254 -25.01 -12.60 11.70
CA ILE B 254 -24.89 -11.19 12.16
C ILE B 254 -25.52 -11.13 13.55
N TRP B 255 -26.67 -11.80 13.68
CA TRP B 255 -27.42 -11.62 14.90
C TRP B 255 -26.73 -12.38 15.97
N ASN B 256 -26.23 -13.57 15.70
CA ASN B 256 -25.37 -14.21 16.71
C ASN B 256 -24.16 -13.38 17.14
N PHE B 257 -23.49 -12.73 16.19
CA PHE B 257 -22.31 -11.95 16.55
C PHE B 257 -22.63 -10.80 17.53
N ILE B 258 -23.66 -10.05 17.23
CA ILE B 258 -24.22 -8.99 18.10
C ILE B 258 -24.65 -9.50 19.46
N GLN B 259 -25.24 -10.69 19.52
CA GLN B 259 -25.65 -11.22 20.83
C GLN B 259 -24.46 -11.57 21.70
N GLU B 260 -23.43 -12.16 21.07
CA GLU B 260 -22.19 -12.45 21.79
C GLU B 260 -21.44 -11.19 22.20
N VAL B 261 -21.50 -10.19 21.36
CA VAL B 261 -20.98 -8.89 21.71
C VAL B 261 -21.75 -8.25 22.87
N GLY B 262 -23.08 -8.16 22.76
CA GLY B 262 -23.86 -7.66 23.92
C GLY B 262 -23.45 -8.35 25.21
N GLN B 263 -23.35 -9.68 25.17
CA GLN B 263 -23.06 -10.52 26.37
C GLN B 263 -21.67 -10.29 27.02
N GLU B 264 -20.59 -10.26 26.23
CA GLU B 264 -19.18 -10.00 26.68
C GLU B 264 -18.82 -8.50 26.77
N ARG B 265 -19.83 -7.64 26.64
CA ARG B 265 -19.67 -6.21 26.50
C ARG B 265 -18.96 -5.62 27.70
N GLU B 266 -19.39 -6.06 28.88
CA GLU B 266 -18.79 -5.67 30.15
C GLU B 266 -17.33 -6.05 30.18
N ASN B 267 -16.93 -7.10 29.44
CA ASN B 267 -15.54 -7.56 29.52
C ASN B 267 -14.62 -6.96 28.47
N LEU B 268 -15.13 -5.99 27.71
CA LEU B 268 -14.27 -5.29 26.75
C LEU B 268 -13.52 -4.12 27.39
N PRO B 269 -12.28 -3.88 26.94
CA PRO B 269 -11.43 -2.85 27.51
C PRO B 269 -11.87 -1.39 27.23
N TYR B 270 -12.96 -1.21 26.48
CA TYR B 270 -13.47 0.11 26.09
C TYR B 270 -14.98 0.02 25.98
N ASP B 271 -15.64 1.17 25.96
CA ASP B 271 -17.09 1.22 25.80
C ASP B 271 -17.46 1.29 24.34
N ILE B 272 -18.63 0.74 24.07
CA ILE B 272 -19.13 0.70 22.74
C ILE B 272 -20.52 1.18 22.79
N ASP B 273 -20.94 1.68 21.65
CA ASP B 273 -22.22 2.29 21.44
C ASP B 273 -23.10 1.40 20.50
N GLY B 274 -22.58 0.25 20.06
CA GLY B 274 -23.28 -0.72 19.16
C GLY B 274 -22.41 -1.40 18.11
N VAL B 275 -23.05 -1.84 17.02
CA VAL B 275 -22.41 -2.63 15.92
C VAL B 275 -22.79 -1.90 14.66
N VAL B 276 -21.82 -1.73 13.76
CA VAL B 276 -22.13 -1.10 12.47
C VAL B 276 -22.09 -2.26 11.50
N ILE B 277 -23.12 -2.41 10.67
CA ILE B 277 -23.10 -3.51 9.69
C ILE B 277 -23.04 -2.82 8.33
N LYS B 278 -22.11 -3.24 7.53
CA LYS B 278 -21.82 -2.66 6.20
C LYS B 278 -21.70 -3.74 5.13
N VAL B 279 -22.26 -3.46 3.94
CA VAL B 279 -22.01 -4.24 2.70
C VAL B 279 -20.51 -4.19 2.39
N ASN B 280 -19.84 -5.37 2.36
CA ASN B 280 -18.41 -5.47 2.35
C ASN B 280 -17.77 -4.91 1.08
N ASP B 281 -18.26 -5.28 -0.08
CA ASP B 281 -17.48 -4.90 -1.26
C ASP B 281 -17.84 -3.55 -1.83
N LEU B 282 -16.84 -2.82 -2.29
CA LEU B 282 -17.04 -1.44 -2.80
C LEU B 282 -18.01 -1.30 -3.99
N ALA B 283 -17.96 -2.23 -4.95
CA ALA B 283 -18.81 -2.11 -6.13
C ALA B 283 -20.26 -2.21 -5.69
N SER B 284 -20.52 -3.19 -4.85
CA SER B 284 -21.86 -3.26 -4.20
C SER B 284 -22.32 -1.99 -3.41
N GLN B 285 -21.44 -1.34 -2.63
CA GLN B 285 -21.80 -0.11 -1.93
C GLN B 285 -22.15 0.99 -2.88
N GLU B 286 -21.32 1.13 -3.97
CA GLU B 286 -21.53 2.09 -5.06
C GLU B 286 -22.83 1.93 -5.77
N GLU B 287 -23.29 0.66 -6.09
CA GLU B 287 -24.65 0.46 -6.64
C GLU B 287 -25.79 0.85 -5.72
N LEU B 288 -25.71 0.61 -4.35
CA LEU B 288 -26.77 1.10 -3.41
C LEU B 288 -26.72 2.60 -3.21
N GLY B 289 -25.54 3.15 -3.00
CA GLY B 289 -25.51 4.63 -2.95
C GLY B 289 -25.94 5.15 -1.58
N PHE B 290 -26.38 6.39 -1.52
CA PHE B 290 -26.66 7.08 -0.29
C PHE B 290 -27.99 7.74 -0.39
N THR B 291 -28.67 7.92 0.75
CA THR B 291 -29.73 8.93 0.76
C THR B 291 -29.10 10.32 0.81
N VAL B 292 -29.92 11.32 1.19
CA VAL B 292 -29.41 12.65 1.52
C VAL B 292 -28.26 12.55 2.55
N LYS B 293 -28.53 12.07 3.77
CA LYS B 293 -27.50 12.14 4.85
C LYS B 293 -26.61 10.93 5.01
N ALA B 294 -27.04 9.77 4.54
CA ALA B 294 -26.37 8.54 5.04
C ALA B 294 -26.19 7.46 3.99
N PRO B 295 -25.20 6.57 4.18
CA PRO B 295 -25.13 5.50 3.15
C PRO B 295 -26.41 4.65 3.09
N LYS B 296 -26.78 4.16 1.94
CA LYS B 296 -27.80 3.11 2.00
C LYS B 296 -27.23 1.74 2.23
N TRP B 297 -25.92 1.61 2.41
CA TRP B 297 -25.27 0.33 2.47
C TRP B 297 -24.75 -0.11 3.85
N ALA B 298 -25.18 0.62 4.88
CA ALA B 298 -24.66 0.53 6.22
C ALA B 298 -25.79 0.83 7.17
N VAL B 299 -25.73 0.20 8.32
CA VAL B 299 -26.66 0.49 9.44
C VAL B 299 -25.93 0.29 10.79
N ALA B 300 -26.29 1.08 11.81
CA ALA B 300 -25.71 0.80 13.13
C ALA B 300 -26.78 0.24 14.04
N TYR B 301 -26.54 -0.99 14.54
CA TYR B 301 -27.47 -1.54 15.53
C TYR B 301 -27.08 -0.99 16.87
N LYS B 302 -28.01 -0.33 17.55
CA LYS B 302 -27.75 0.26 18.89
C LYS B 302 -28.08 -0.62 20.11
N PHE B 303 -27.07 -0.82 20.96
CA PHE B 303 -27.19 -1.36 22.30
C PHE B 303 -27.54 -0.22 23.25
N PRO B 304 -28.30 -0.52 24.33
CA PRO B 304 -28.68 0.38 25.45
C PRO B 304 -27.63 1.44 25.81
S SO4 C . -1.38 8.46 -3.52
O1 SO4 C . -1.50 7.10 -2.90
O2 SO4 C . -0.48 8.45 -4.71
O3 SO4 C . -2.73 8.90 -3.95
O4 SO4 C . -0.78 9.25 -2.42
C5 0XT D . 8.47 0.25 -20.75
C6 0XT D . 10.12 1.06 -18.71
C8 0XT D . 7.58 -0.13 -21.86
C10 0XT D . 10.44 0.02 -19.56
C11 0XT D . 12.08 0.74 -17.51
C12 0XT D . 11.61 -0.60 -19.35
N4 0XT D . 8.97 1.73 -18.92
N14 0XT D . 12.95 1.10 -16.51
N13 0XT D . 12.41 -0.24 -18.37
N9 0XT D . 10.92 1.40 -17.70
C2 0XT D . 8.12 1.32 -19.89
O1 0XT D . 6.91 1.99 -20.04
C3 0XT D . 6.72 3.20 -19.33
N7 0XT D . 9.64 -0.38 -20.56
N15 0XT D . 11.93 -1.60 -20.19
S SO4 E . -7.28 -4.47 -4.75
O1 SO4 E . -8.01 -4.20 -6.02
O2 SO4 E . -5.97 -3.77 -4.71
O3 SO4 E . -7.01 -5.90 -4.64
O4 SO4 E . -8.19 -4.11 -3.62
C5 0XT F . -19.69 5.68 10.04
C6 0XT F . -18.49 3.33 10.83
C8 0XT F . -20.36 6.91 9.55
C10 0XT F . -18.74 4.32 11.76
C11 0XT F . -17.54 1.98 12.49
C12 0XT F . -18.31 4.13 13.09
N4 0XT F . -18.90 3.49 9.53
N14 0XT F . -16.93 0.83 12.84
N13 0XT F . -17.71 2.96 13.42
N9 0XT F . -17.88 2.17 11.20
C2 0XT F . -19.49 4.65 9.11
O1 0XT F . -19.86 4.83 7.80
C3 0XT F . -20.12 3.68 7.01
N7 0XT F . -19.32 5.49 11.35
N15 0XT F . -18.47 5.10 14.04
O3P NMN G . 7.74 6.54 7.99
P NMN G . 8.14 5.19 8.55
O1P NMN G . 8.46 5.21 10.02
O2P NMN G . 7.22 4.03 8.20
O5R NMN G . 9.57 4.81 7.85
C5R NMN G . 10.40 5.79 7.19
C4R NMN G . 10.27 5.71 5.66
O4R NMN G . 8.95 6.00 5.15
C3R NMN G . 11.17 6.76 5.02
O3R NMN G . 12.48 6.25 4.79
C2R NMN G . 10.40 7.19 3.76
O2R NMN G . 10.78 6.46 2.60
C1R NMN G . 8.92 6.94 4.07
N1 NMN G . 8.38 8.23 4.53
C2 NMN G . 9.08 8.83 5.47
C3 NMN G . 8.76 10.04 6.03
C7 NMN G . 9.75 10.45 7.06
O7 NMN G . 9.68 9.88 8.11
N7 NMN G . 10.70 11.33 6.75
C4 NMN G . 7.62 10.70 5.63
C5 NMN G . 6.87 10.06 4.64
C6 NMN G . 7.27 8.82 4.08
#